data_6Y9H
#
_entry.id   6Y9H
#
_cell.length_a   70.333
_cell.length_b   71.290
_cell.length_c   72.534
_cell.angle_alpha   90.000
_cell.angle_beta   100.500
_cell.angle_gamma   90.000
#
_symmetry.space_group_name_H-M   'C 1 2 1'
#
loop_
_entity.id
_entity.type
_entity.pdbx_description
1 polymer Prothrombin
2 polymer Prothrombin
3 polymer 'Hirudin variant-2'
4 polymer 'D-Phe-Pro-m-Trifluoromethylbenzylamide derivative (phe2)'
5 non-polymer 'SODIUM ION'
6 non-polymer 'DIMETHYL SULFOXIDE'
7 non-polymer 'PHOSPHATE ION'
8 non-polymer 2-acetamido-2-deoxy-beta-D-glucopyranose
9 water water
#
loop_
_entity_poly.entity_id
_entity_poly.type
_entity_poly.pdbx_seq_one_letter_code
_entity_poly.pdbx_strand_id
1 'polypeptide(L)' TFGSGEADCGLRPLFEKKSLEDKTERELLESYIDGR L
2 'polypeptide(L)'
;IVEGSDAEIGMSPWQVMLFRKSPQELLCGASLISDRWVLTAAHCLLYPPWDKNFTENDLLVRIGKHSRTRYERNIEKISM
LEKIYIHPRYNWRENLDRDIALMKLKKPVAFSDYIHPVCLPDRETAASLLQAGYKGRVTGWGNLKETWTANVGKGQPSVL
QVVNLPIVERPVCKDSTRIRITDNMFCAGYKPDEGKRGDACEGDSGGPFVMKSPFNNRWYQMGIVSWGEGCDRDGKYGFY
THVFRLKKWIQKVIDQFGE
;
H
3 'polypeptide(L)' GDFEEIPEE(TYS)LQ I
4 'polypeptide(L)' (DPN)P(OGZ) C
#
# COMPACT_ATOMS: atom_id res chain seq x y z
N GLU A 6 -7.26 15.36 -4.02
CA GLU A 6 -8.39 15.51 -4.93
C GLU A 6 -9.70 15.64 -4.15
N ALA A 7 -10.58 16.51 -4.65
CA ALA A 7 -11.88 16.72 -4.02
C ALA A 7 -12.62 15.41 -3.79
N ASP A 8 -12.41 14.45 -4.67
CA ASP A 8 -13.15 13.21 -4.72
C ASP A 8 -12.37 12.03 -4.17
N CYS A 9 -11.23 12.29 -3.53
CA CYS A 9 -10.37 11.18 -3.11
C CYS A 9 -11.12 10.28 -2.14
N GLY A 10 -10.79 8.99 -2.20
CA GLY A 10 -11.23 8.08 -1.18
C GLY A 10 -12.67 7.62 -1.30
N LEU A 11 -13.36 7.99 -2.37
CA LEU A 11 -14.74 7.60 -2.63
C LEU A 11 -14.73 6.70 -3.87
N ARG A 12 -14.94 5.42 -3.67
CA ARG A 12 -14.76 4.45 -4.74
C ARG A 12 -15.95 4.46 -5.68
N PRO A 13 -15.72 4.49 -7.01
CA PRO A 13 -16.84 4.47 -7.96
C PRO A 13 -17.83 3.34 -7.78
N LEU A 14 -17.34 2.14 -7.46
CA LEU A 14 -18.21 0.97 -7.37
C LEU A 14 -18.75 0.72 -5.97
N PHE A 15 -18.41 1.59 -5.01
CA PHE A 15 -18.88 1.43 -3.63
C PHE A 15 -19.48 2.73 -3.12
N GLU A 16 -18.66 3.60 -2.53
CA GLU A 16 -19.21 4.82 -1.92
C GLU A 16 -20.03 5.63 -2.91
N LYS A 17 -19.55 5.74 -4.15
N LYS A 17 -19.57 5.72 -4.15
CA LYS A 17 -20.21 6.64 -5.10
CA LYS A 17 -20.29 6.57 -5.10
C LYS A 17 -21.63 6.18 -5.38
C LYS A 17 -21.66 6.01 -5.47
N LYS A 18 -21.91 4.88 -5.25
N LYS A 18 -21.87 4.71 -5.26
CA LYS A 18 -23.24 4.33 -5.49
CA LYS A 18 -23.17 4.09 -5.50
C LYS A 18 -23.85 3.73 -4.23
C LYS A 18 -23.92 3.78 -4.20
N SER A 19 -23.35 4.12 -3.06
CA SER A 19 -23.88 3.68 -1.76
C SER A 19 -23.97 2.16 -1.67
N LEU A 20 -22.93 1.48 -2.14
CA LEU A 20 -22.77 0.05 -1.94
C LEU A 20 -21.60 -0.18 -0.98
N GLU A 21 -21.77 -1.12 -0.06
N GLU A 21 -21.73 -1.18 -0.13
CA GLU A 21 -20.69 -1.46 0.84
CA GLU A 21 -20.75 -1.51 0.90
C GLU A 21 -19.98 -2.72 0.36
C GLU A 21 -20.01 -2.79 0.51
N ASP A 22 -18.69 -2.79 0.65
CA ASP A 22 -17.93 -4.01 0.40
C ASP A 22 -18.15 -5.00 1.53
N LYS A 23 -17.67 -6.23 1.33
CA LYS A 23 -18.06 -7.33 2.22
C LYS A 23 -17.43 -7.24 3.60
N THR A 24 -16.36 -6.46 3.79
CA THR A 24 -15.70 -6.43 5.10
C THR A 24 -15.46 -5.04 5.68
N GLU A 25 -15.91 -3.98 5.03
CA GLU A 25 -15.66 -2.66 5.59
C GLU A 25 -16.32 -2.48 6.93
N ARG A 26 -17.42 -3.20 7.18
CA ARG A 26 -18.07 -3.08 8.48
C ARG A 26 -17.15 -3.51 9.62
N GLU A 27 -16.29 -4.51 9.37
CA GLU A 27 -15.31 -4.92 10.38
C GLU A 27 -14.43 -3.75 10.81
N LEU A 28 -14.07 -2.88 9.87
CA LEU A 28 -13.28 -1.72 10.24
C LEU A 28 -14.10 -0.76 11.09
N LEU A 29 -15.33 -0.47 10.65
CA LEU A 29 -16.18 0.46 11.39
C LEU A 29 -16.41 -0.02 12.82
N GLU A 30 -16.61 -1.33 12.99
CA GLU A 30 -16.86 -1.87 14.32
C GLU A 30 -15.66 -1.73 15.24
N SER A 31 -14.46 -1.61 14.70
CA SER A 31 -13.25 -1.44 15.49
C SER A 31 -13.03 0.00 15.93
N TYR A 32 -13.75 0.97 15.35
CA TYR A 32 -13.51 2.38 15.62
C TYR A 32 -14.39 2.77 16.81
N ILE A 33 -13.94 2.40 18.01
CA ILE A 33 -14.78 2.49 19.20
C ILE A 33 -14.55 3.79 19.94
N ILE B 1 0.00 -11.37 0.55
CA ILE B 1 -0.90 -11.27 1.70
C ILE B 1 -1.19 -12.67 2.20
N VAL B 2 -0.98 -12.90 3.51
CA VAL B 2 -1.22 -14.20 4.13
C VAL B 2 -2.56 -14.17 4.85
N GLU B 3 -3.35 -15.22 4.67
CA GLU B 3 -4.64 -15.37 5.36
C GLU B 3 -5.60 -14.24 5.04
N GLY B 4 -5.52 -13.71 3.82
CA GLY B 4 -6.48 -12.75 3.33
C GLY B 4 -7.51 -13.40 2.43
N SER B 5 -8.18 -12.57 1.65
CA SER B 5 -9.19 -13.04 0.72
C SER B 5 -9.08 -12.30 -0.60
N ASP B 6 -9.74 -12.81 -1.63
CA ASP B 6 -9.75 -12.15 -2.91
C ASP B 6 -10.48 -10.81 -2.78
N ALA B 7 -9.91 -9.77 -3.36
CA ALA B 7 -10.57 -8.49 -3.39
C ALA B 7 -11.80 -8.54 -4.27
N GLU B 8 -12.77 -7.69 -3.94
CA GLU B 8 -13.88 -7.46 -4.84
C GLU B 8 -13.45 -6.52 -5.97
N ILE B 9 -14.16 -6.59 -7.10
CA ILE B 9 -13.86 -5.71 -8.21
C ILE B 9 -14.05 -4.26 -7.78
N GLY B 10 -13.05 -3.43 -8.05
CA GLY B 10 -13.09 -2.03 -7.67
C GLY B 10 -12.97 -1.75 -6.20
N MET B 11 -12.54 -2.72 -5.40
CA MET B 11 -12.51 -2.55 -3.95
C MET B 11 -11.38 -1.63 -3.53
N SER B 12 -10.30 -1.61 -4.31
CA SER B 12 -9.09 -0.84 -3.97
C SER B 12 -8.62 -0.15 -5.25
N PRO B 13 -9.38 0.84 -5.73
CA PRO B 13 -9.10 1.41 -7.06
C PRO B 13 -7.86 2.28 -7.10
N TRP B 14 -7.26 2.54 -5.93
CA TRP B 14 -5.99 3.22 -5.83
C TRP B 14 -4.81 2.27 -5.84
N GLN B 15 -5.06 0.96 -5.92
N GLN B 15 -5.04 0.96 -5.90
CA GLN B 15 -3.98 -0.01 -5.94
CA GLN B 15 -3.93 0.00 -5.84
C GLN B 15 -3.11 0.19 -7.18
C GLN B 15 -3.12 0.07 -7.14
N VAL B 16 -1.80 0.15 -6.99
CA VAL B 16 -0.86 0.23 -8.11
C VAL B 16 0.12 -0.92 -8.01
N MET B 17 0.46 -1.51 -9.17
CA MET B 17 1.50 -2.52 -9.27
C MET B 17 2.75 -1.87 -9.84
N LEU B 18 3.88 -1.98 -9.14
CA LEU B 18 5.18 -1.57 -9.66
C LEU B 18 5.72 -2.77 -10.42
N PHE B 19 6.06 -2.58 -11.69
CA PHE B 19 6.34 -3.67 -12.61
C PHE B 19 7.68 -3.43 -13.27
N ARG B 20 8.56 -4.44 -13.20
N ARG B 20 8.56 -4.43 -13.19
CA ARG B 20 9.85 -4.37 -13.85
CA ARG B 20 9.85 -4.35 -13.84
C ARG B 20 9.70 -4.66 -15.33
C ARG B 20 9.70 -4.66 -15.33
N LYS B 21 10.41 -3.89 -16.16
CA LYS B 21 10.31 -4.05 -17.60
C LYS B 21 11.00 -5.34 -18.07
N SER B 22 12.22 -5.57 -17.61
CA SER B 22 13.01 -6.70 -18.11
C SER B 22 13.87 -7.24 -16.98
N PRO B 23 13.64 -8.48 -16.51
CA PRO B 23 12.53 -9.35 -16.90
C PRO B 23 11.19 -8.78 -16.46
N GLN B 24 10.11 -9.23 -17.07
CA GLN B 24 8.79 -8.71 -16.72
C GLN B 24 8.32 -9.39 -15.44
N GLU B 25 8.21 -8.62 -14.35
CA GLU B 25 7.84 -9.22 -13.08
C GLU B 25 7.33 -8.15 -12.13
N LEU B 26 6.57 -8.59 -11.14
CA LEU B 26 6.08 -7.69 -10.11
C LEU B 26 7.24 -7.30 -9.21
N LEU B 27 7.35 -6.02 -8.89
CA LEU B 27 8.36 -5.53 -7.96
C LEU B 27 7.77 -5.14 -6.62
N CYS B 28 6.59 -4.56 -6.59
CA CYS B 28 6.08 -3.99 -5.36
C CYS B 28 4.64 -3.57 -5.60
N GLY B 29 3.95 -3.28 -4.49
CA GLY B 29 2.75 -2.47 -4.52
C GLY B 29 3.05 -0.97 -4.42
N ALA B 30 1.99 -0.19 -4.55
CA ALA B 30 2.03 1.27 -4.56
C ALA B 30 0.58 1.75 -4.53
N SER B 31 0.39 3.06 -4.46
CA SER B 31 -0.96 3.61 -4.43
C SER B 31 -1.04 4.89 -5.23
N LEU B 32 -2.24 5.13 -5.78
CA LEU B 32 -2.52 6.33 -6.56
C LEU B 32 -3.05 7.41 -5.63
N ILE B 33 -2.39 8.57 -5.61
CA ILE B 33 -2.81 9.69 -4.76
C ILE B 33 -3.27 10.89 -5.57
N SER B 34 -3.06 10.90 -6.89
CA SER B 34 -3.65 11.90 -7.78
C SER B 34 -3.53 11.35 -9.19
N ASP B 35 -3.93 12.16 -10.18
CA ASP B 35 -3.81 11.66 -11.55
C ASP B 35 -2.37 11.54 -12.04
N ARG B 36 -1.38 12.05 -11.30
CA ARG B 36 -0.01 12.02 -11.78
C ARG B 36 0.99 11.52 -10.74
N TRP B 37 0.55 11.16 -9.54
CA TRP B 37 1.47 10.83 -8.46
C TRP B 37 1.11 9.48 -7.83
N VAL B 38 2.14 8.67 -7.64
CA VAL B 38 2.04 7.35 -7.04
C VAL B 38 2.96 7.30 -5.83
N LEU B 39 2.46 6.74 -4.74
CA LEU B 39 3.16 6.62 -3.48
C LEU B 39 3.59 5.17 -3.28
N THR B 40 4.81 4.97 -2.78
CA THR B 40 5.31 3.62 -2.51
C THR B 40 6.33 3.67 -1.37
N ALA B 41 6.91 2.50 -1.07
CA ALA B 41 8.00 2.41 -0.12
C ALA B 41 9.33 2.70 -0.82
N ALA B 42 10.21 3.45 -0.13
CA ALA B 42 11.54 3.71 -0.69
C ALA B 42 12.30 2.41 -0.96
N HIS B 43 12.14 1.39 -0.12
CA HIS B 43 12.91 0.16 -0.34
C HIS B 43 12.48 -0.60 -1.59
N CYS B 44 11.33 -0.28 -2.17
CA CYS B 44 10.95 -0.83 -3.46
C CYS B 44 11.81 -0.31 -4.57
N LEU B 45 12.46 0.84 -4.36
CA LEU B 45 13.26 1.47 -5.39
C LEU B 45 14.73 1.49 -5.09
N LEU B 46 15.11 1.54 -3.81
CA LEU B 46 16.49 1.73 -3.42
C LEU B 46 16.74 0.87 -2.18
N TYR B 47 17.61 -0.13 -2.31
CA TYR B 47 17.99 -0.96 -1.18
C TYR B 47 19.38 -1.53 -1.49
N PRO B 48 20.43 -0.78 -1.18
CA PRO B 48 21.78 -1.16 -1.58
C PRO B 48 22.24 -2.50 -1.05
N PRO B 49 21.80 -2.93 0.13
CA PRO B 49 22.21 -4.27 0.59
C PRO B 49 21.86 -5.38 -0.38
N TRP B 50 20.82 -5.20 -1.18
CA TRP B 50 20.40 -6.19 -2.17
C TRP B 50 20.74 -5.74 -3.59
N ASP B 51 21.60 -4.74 -3.73
CA ASP B 51 21.98 -4.22 -5.04
C ASP B 51 20.78 -3.69 -5.82
N LYS B 52 19.81 -3.13 -5.10
CA LYS B 52 18.62 -2.57 -5.72
C LYS B 52 18.77 -1.05 -5.81
N ASN B 53 18.71 -0.51 -7.02
CA ASN B 53 18.72 0.94 -7.21
C ASN B 53 18.12 1.24 -8.58
N PHE B 54 16.80 1.20 -8.68
CA PHE B 54 16.13 1.35 -9.95
C PHE B 54 16.11 2.79 -10.42
N THR B 55 16.16 2.96 -11.73
CA THR B 55 15.95 4.27 -12.37
C THR B 55 14.57 4.27 -13.01
N GLU B 56 14.12 5.46 -13.39
CA GLU B 56 12.78 5.61 -13.95
C GLU B 56 12.53 4.66 -15.12
N ASN B 57 13.50 4.56 -16.04
CA ASN B 57 13.28 3.77 -17.24
C ASN B 57 13.29 2.28 -16.99
N ASP B 58 13.62 1.84 -15.77
CA ASP B 58 13.57 0.42 -15.46
C ASP B 58 12.16 -0.09 -15.22
N LEU B 59 11.19 0.81 -15.00
CA LEU B 59 9.95 0.44 -14.33
C LEU B 59 8.73 0.94 -15.07
N LEU B 60 7.62 0.26 -14.82
CA LEU B 60 6.30 0.72 -15.21
C LEU B 60 5.40 0.64 -13.99
N VAL B 61 4.32 1.41 -14.01
CA VAL B 61 3.24 1.24 -13.04
C VAL B 61 1.99 0.77 -13.78
N ARG B 62 1.28 -0.17 -13.19
CA ARG B 62 0.07 -0.74 -13.77
C ARG B 62 -1.05 -0.43 -12.79
N ILE B 63 -2.07 0.27 -13.25
CA ILE B 63 -3.12 0.84 -12.41
C ILE B 63 -4.46 0.26 -12.86
N GLY B 64 -5.35 0.01 -11.92
CA GLY B 64 -6.64 -0.56 -12.23
C GLY B 64 -6.69 -2.08 -12.25
N LYS B 65 -5.67 -2.74 -11.73
CA LYS B 65 -5.56 -4.18 -11.89
C LYS B 65 -6.33 -4.95 -10.83
N HIS B 66 -6.64 -6.19 -11.17
CA HIS B 66 -7.25 -7.14 -10.26
C HIS B 66 -6.45 -8.44 -10.35
N SER B 67 -6.42 -9.05 -11.53
CA SER B 67 -5.57 -10.20 -11.78
C SER B 67 -4.10 -9.82 -11.61
N ARG B 68 -3.33 -10.72 -10.99
CA ARG B 68 -1.90 -10.49 -10.84
C ARG B 68 -1.16 -10.55 -12.17
N THR B 69 -1.35 -11.63 -12.94
CA THR B 69 -0.49 -11.89 -14.09
C THR B 69 -1.08 -11.52 -15.43
N ARG B 70 -2.41 -11.43 -15.54
N ARG B 70 -2.40 -11.42 -15.55
CA ARG B 70 -3.04 -11.16 -16.81
CA ARG B 70 -3.00 -11.20 -16.86
C ARG B 70 -2.84 -9.69 -17.23
C ARG B 70 -2.97 -9.72 -17.24
N TYR B 71 -2.82 -9.47 -18.54
CA TYR B 71 -2.92 -8.11 -19.07
C TYR B 71 -4.41 -7.82 -19.20
N GLU B 72 -4.91 -6.89 -18.38
CA GLU B 72 -6.35 -6.68 -18.21
C GLU B 72 -6.81 -5.62 -19.20
N ARG B 73 -6.93 -6.09 -20.44
CA ARG B 73 -7.26 -5.23 -21.55
C ARG B 73 -8.55 -4.47 -21.30
N ASN B 74 -8.55 -3.18 -21.64
CA ASN B 74 -9.67 -2.25 -21.49
C ASN B 74 -9.98 -1.89 -20.04
N ILE B 75 -9.15 -2.31 -19.09
CA ILE B 75 -9.40 -2.06 -17.69
C ILE B 75 -8.17 -1.43 -17.06
N GLU B 76 -7.04 -2.15 -17.09
CA GLU B 76 -5.83 -1.59 -16.53
C GLU B 76 -5.23 -0.56 -17.46
N LYS B 77 -4.46 0.34 -16.86
CA LYS B 77 -3.70 1.35 -17.58
C LYS B 77 -2.26 1.29 -17.13
N ILE B 78 -1.35 1.38 -18.08
CA ILE B 78 0.08 1.23 -17.83
C ILE B 78 0.73 2.58 -18.08
N SER B 79 1.50 3.06 -17.10
CA SER B 79 2.09 4.39 -17.15
C SER B 79 3.61 4.30 -17.02
N MET B 80 4.30 5.16 -17.76
CA MET B 80 5.75 5.33 -17.59
C MET B 80 6.04 6.36 -16.51
N LEU B 81 7.24 6.28 -15.93
CA LEU B 81 7.65 7.18 -14.86
C LEU B 81 8.45 8.35 -15.41
N GLU B 82 8.08 9.55 -14.98
CA GLU B 82 8.88 10.73 -15.27
C GLU B 82 10.02 10.89 -14.27
N LYS B 83 9.74 10.70 -12.98
CA LYS B 83 10.76 10.94 -11.96
C LYS B 83 10.43 10.19 -10.67
N ILE B 84 11.46 9.68 -10.04
CA ILE B 84 11.38 9.08 -8.71
C ILE B 84 11.92 10.07 -7.70
N TYR B 85 11.28 10.15 -6.53
CA TYR B 85 11.73 10.96 -5.42
C TYR B 85 11.74 10.10 -4.17
N ILE B 86 12.94 9.86 -3.63
N ILE B 86 12.92 9.89 -3.60
CA ILE B 86 13.13 9.12 -2.38
CA ILE B 86 13.08 9.12 -2.38
C ILE B 86 13.24 10.13 -1.25
C ILE B 86 13.31 10.08 -1.22
N HIS B 87 12.68 9.78 -0.09
CA HIS B 87 12.84 10.65 1.08
C HIS B 87 14.33 10.86 1.34
N PRO B 88 14.79 12.09 1.55
CA PRO B 88 16.23 12.33 1.69
C PRO B 88 16.83 11.73 2.94
N ARG B 89 16.01 11.40 3.94
CA ARG B 89 16.49 10.77 5.16
C ARG B 89 15.97 9.33 5.32
N TYR B 90 15.59 8.70 4.21
CA TYR B 90 15.32 7.26 4.21
C TYR B 90 16.55 6.50 4.68
N ASN B 91 16.36 5.68 5.70
CA ASN B 91 17.46 4.98 6.36
C ASN B 91 17.47 3.51 5.92
N TRP B 92 18.09 3.28 4.78
CA TRP B 92 18.28 1.92 4.30
C TRP B 92 19.41 1.20 5.02
N ARG B 93 20.26 1.93 5.75
N ARG B 93 20.26 1.93 5.75
CA ARG B 93 21.39 1.29 6.40
CA ARG B 93 21.39 1.30 6.40
C ARG B 93 20.95 0.49 7.62
C ARG B 93 20.98 0.51 7.63
N GLU B 94 19.97 0.99 8.35
CA GLU B 94 19.63 0.41 9.66
C GLU B 94 18.25 -0.23 9.69
N ASN B 95 17.19 0.58 9.69
CA ASN B 95 15.89 0.07 10.08
C ASN B 95 14.76 0.52 9.16
N LEU B 96 15.07 1.02 7.96
CA LEU B 96 14.04 1.48 7.02
C LEU B 96 13.23 2.67 7.57
N ASP B 97 13.84 3.45 8.45
CA ASP B 97 13.19 4.68 8.89
C ASP B 97 12.88 5.57 7.69
N ARG B 98 11.67 6.12 7.67
CA ARG B 98 11.21 7.04 6.62
C ARG B 98 11.17 6.32 5.28
N ASP B 99 10.51 5.15 5.25
CA ASP B 99 10.50 4.27 4.08
C ASP B 99 9.37 4.75 3.15
N ILE B 100 9.67 5.78 2.37
CA ILE B 100 8.63 6.43 1.56
C ILE B 100 9.27 7.00 0.31
N ALA B 101 8.53 6.93 -0.80
CA ALA B 101 8.98 7.49 -2.06
C ALA B 101 7.76 7.84 -2.90
N LEU B 102 7.97 8.80 -3.80
CA LEU B 102 6.96 9.22 -4.76
C LEU B 102 7.45 8.97 -6.17
N MET B 103 6.51 8.67 -7.06
CA MET B 103 6.78 8.50 -8.49
C MET B 103 5.82 9.41 -9.23
N LYS B 104 6.36 10.31 -10.07
CA LYS B 104 5.56 11.16 -10.93
C LYS B 104 5.42 10.49 -12.29
N LEU B 105 4.19 10.38 -12.77
CA LEU B 105 3.94 9.74 -14.04
C LEU B 105 4.21 10.68 -15.21
N LYS B 106 4.57 10.09 -16.34
CA LYS B 106 4.86 10.91 -17.51
C LYS B 106 3.61 11.63 -18.01
N LYS B 107 2.46 11.00 -17.88
CA LYS B 107 1.21 11.59 -18.33
C LYS B 107 0.15 11.27 -17.29
N PRO B 108 -0.86 12.12 -17.15
CA PRO B 108 -1.92 11.81 -16.19
C PRO B 108 -2.71 10.56 -16.58
N VAL B 109 -3.11 9.79 -15.57
CA VAL B 109 -3.94 8.62 -15.81
C VAL B 109 -5.41 9.00 -15.75
N ALA B 110 -6.21 8.39 -16.62
CA ALA B 110 -7.63 8.66 -16.63
C ALA B 110 -8.31 7.83 -15.54
N PHE B 111 -9.11 8.49 -14.73
CA PHE B 111 -9.85 7.78 -13.69
C PHE B 111 -11.00 7.00 -14.34
N SER B 112 -11.46 5.95 -13.64
CA SER B 112 -12.50 5.06 -14.12
C SER B 112 -13.13 4.36 -12.93
N ASP B 113 -14.01 3.39 -13.21
CA ASP B 113 -14.56 2.58 -12.12
C ASP B 113 -13.47 1.83 -11.38
N TYR B 114 -12.32 1.59 -12.00
CA TYR B 114 -11.27 0.75 -11.48
C TYR B 114 -10.04 1.53 -11.02
N ILE B 115 -10.02 2.84 -11.29
CA ILE B 115 -8.85 3.70 -11.10
C ILE B 115 -9.33 4.98 -10.42
N HIS B 116 -8.91 5.18 -9.17
CA HIS B 116 -9.38 6.31 -8.39
C HIS B 116 -8.41 6.55 -7.24
N PRO B 117 -8.09 7.80 -6.90
CA PRO B 117 -7.09 8.05 -5.86
C PRO B 117 -7.63 7.92 -4.44
N VAL B 118 -6.71 7.56 -3.54
CA VAL B 118 -6.98 7.51 -2.11
C VAL B 118 -6.64 8.87 -1.51
N CYS B 119 -7.25 9.18 -0.37
CA CYS B 119 -6.89 10.40 0.33
C CYS B 119 -5.67 10.18 1.22
N LEU B 120 -4.91 11.26 1.45
CA LEU B 120 -3.90 11.22 2.47
C LEU B 120 -4.43 11.89 3.74
N PRO B 121 -4.07 11.40 4.93
CA PRO B 121 -4.68 11.92 6.14
C PRO B 121 -4.19 13.30 6.51
N ASP B 122 -5.10 14.08 7.10
CA ASP B 122 -4.76 15.29 7.84
C ASP B 122 -4.41 14.91 9.27
N ARG B 123 -3.93 15.89 10.04
CA ARG B 123 -3.53 15.63 11.43
C ARG B 123 -4.68 15.06 12.25
N GLU B 124 -5.89 15.59 12.06
CA GLU B 124 -7.03 15.19 12.89
C GLU B 124 -7.49 13.77 12.56
N THR B 125 -7.54 13.42 11.28
N THR B 125 -7.54 13.42 11.28
CA THR B 125 -7.93 12.06 10.92
CA THR B 125 -7.93 12.06 10.92
C THR B 125 -6.90 11.07 11.45
C THR B 125 -6.89 11.06 11.43
N ALA B 126 -5.61 11.40 11.34
CA ALA B 126 -4.56 10.52 11.88
C ALA B 126 -4.70 10.38 13.40
N ALA B 127 -4.88 11.49 14.11
CA ALA B 127 -4.99 11.41 15.56
C ALA B 127 -6.19 10.59 15.97
N SER B 128 -7.29 10.70 15.22
N SER B 128 -7.29 10.70 15.22
CA SER B 128 -8.52 10.03 15.60
CA SER B 128 -8.53 10.03 15.59
C SER B 128 -8.47 8.54 15.29
C SER B 128 -8.46 8.54 15.30
N LEU B 129 -7.83 8.15 14.20
CA LEU B 129 -7.91 6.77 13.75
C LEU B 129 -6.67 5.93 14.03
N LEU B 130 -5.49 6.52 14.25
CA LEU B 130 -4.29 5.72 14.48
C LEU B 130 -4.19 5.37 15.97
N GLN B 131 -5.08 4.46 16.38
CA GLN B 131 -5.21 4.05 17.76
C GLN B 131 -5.17 2.53 17.84
N ALA B 132 -4.56 2.00 18.90
CA ALA B 132 -4.47 0.56 19.07
C ALA B 132 -5.86 -0.05 19.05
N GLY B 133 -6.01 -1.14 18.30
CA GLY B 133 -7.27 -1.83 18.17
C GLY B 133 -8.05 -1.44 16.94
N TYR B 134 -7.88 -0.22 16.46
CA TYR B 134 -8.55 0.21 15.24
C TYR B 134 -7.96 -0.53 14.05
N LYS B 135 -8.82 -0.99 13.16
CA LYS B 135 -8.40 -1.82 12.03
C LYS B 135 -8.24 -1.02 10.76
N GLY B 136 -7.19 -1.34 10.02
CA GLY B 136 -7.03 -0.90 8.65
C GLY B 136 -7.01 -2.09 7.71
N ARG B 137 -6.80 -1.78 6.44
CA ARG B 137 -6.88 -2.76 5.37
C ARG B 137 -5.60 -2.70 4.55
N VAL B 138 -5.02 -3.87 4.28
CA VAL B 138 -3.82 -4.00 3.49
C VAL B 138 -4.14 -4.84 2.27
N THR B 139 -3.62 -4.42 1.12
CA THR B 139 -3.89 -5.09 -0.14
C THR B 139 -2.60 -5.32 -0.91
N GLY B 140 -2.55 -6.42 -1.64
CA GLY B 140 -1.36 -6.68 -2.44
C GLY B 140 -1.44 -8.00 -3.20
N TRP B 141 -0.47 -8.16 -4.10
CA TRP B 141 -0.31 -9.36 -4.89
C TRP B 141 0.90 -10.19 -4.43
N GLY B 142 1.39 -9.95 -3.23
CA GLY B 142 2.53 -10.66 -2.70
C GLY B 142 2.21 -12.09 -2.31
N ASN B 143 3.21 -12.73 -1.72
CA ASN B 143 3.12 -14.16 -1.41
C ASN B 143 1.99 -14.45 -0.44
N LEU B 144 1.38 -15.62 -0.64
CA LEU B 144 0.31 -16.10 0.24
C LEU B 144 0.84 -16.77 1.50
N LYS B 145 2.11 -17.16 1.52
CA LYS B 145 2.70 -17.71 2.73
C LYS B 145 4.18 -17.36 2.74
N GLU B 146 4.77 -17.46 3.93
CA GLU B 146 6.17 -17.06 4.06
C GLU B 146 7.07 -17.96 3.23
N THR B 147 6.82 -19.26 3.24
CA THR B 147 7.67 -20.19 2.52
C THR B 147 6.86 -21.44 2.18
N GLY B 155 1.26 -20.46 -3.34
CA GLY B 155 2.40 -19.57 -3.39
C GLY B 155 2.04 -18.12 -3.69
N GLN B 156 1.67 -17.86 -4.94
CA GLN B 156 1.29 -16.52 -5.37
C GLN B 156 -0.19 -16.50 -5.76
N PRO B 157 -0.86 -15.37 -5.56
CA PRO B 157 -2.30 -15.31 -5.80
C PRO B 157 -2.67 -15.05 -7.26
N SER B 158 -3.86 -15.53 -7.65
CA SER B 158 -4.40 -15.21 -8.97
C SER B 158 -4.86 -13.76 -9.05
N VAL B 159 -5.50 -13.26 -8.00
CA VAL B 159 -5.99 -11.88 -7.98
C VAL B 159 -5.56 -11.16 -6.69
N LEU B 160 -5.74 -9.84 -6.71
CA LEU B 160 -5.43 -9.00 -5.57
C LEU B 160 -6.05 -9.55 -4.29
N GLN B 161 -5.25 -9.53 -3.21
CA GLN B 161 -5.64 -10.04 -1.92
C GLN B 161 -5.84 -8.89 -0.95
N VAL B 162 -6.73 -9.11 0.03
N VAL B 162 -6.72 -9.10 0.04
CA VAL B 162 -7.10 -8.11 1.02
CA VAL B 162 -7.11 -8.08 1.01
C VAL B 162 -7.09 -8.75 2.39
C VAL B 162 -7.17 -8.71 2.39
N VAL B 163 -6.66 -8.00 3.40
CA VAL B 163 -6.77 -8.42 4.79
C VAL B 163 -6.94 -7.18 5.66
N ASN B 164 -7.82 -7.29 6.65
CA ASN B 164 -8.04 -6.24 7.63
C ASN B 164 -7.29 -6.61 8.90
N LEU B 165 -6.55 -5.65 9.46
CA LEU B 165 -5.66 -5.89 10.59
C LEU B 165 -5.74 -4.77 11.60
N PRO B 166 -5.67 -5.08 12.89
CA PRO B 166 -5.72 -4.02 13.92
C PRO B 166 -4.35 -3.41 14.18
N ILE B 167 -4.36 -2.09 14.40
CA ILE B 167 -3.15 -1.41 14.85
C ILE B 167 -2.80 -1.89 16.25
N VAL B 168 -1.52 -1.99 16.53
CA VAL B 168 -1.04 -2.56 17.78
C VAL B 168 -0.38 -1.48 18.64
N GLU B 169 -0.54 -1.62 19.96
CA GLU B 169 0.08 -0.73 20.93
C GLU B 169 1.60 -0.64 20.71
N ARG B 170 2.12 0.57 20.82
CA ARG B 170 3.54 0.77 20.48
C ARG B 170 4.47 -0.06 21.36
N PRO B 171 4.23 -0.22 22.67
CA PRO B 171 5.13 -1.08 23.46
C PRO B 171 5.12 -2.53 22.99
N VAL B 172 3.98 -3.04 22.53
CA VAL B 172 3.91 -4.39 22.00
C VAL B 172 4.71 -4.49 20.70
N CYS B 173 4.57 -3.48 19.82
CA CYS B 173 5.37 -3.45 18.61
C CYS B 173 6.86 -3.51 18.95
N LYS B 174 7.29 -2.65 19.88
CA LYS B 174 8.69 -2.56 20.25
C LYS B 174 9.20 -3.87 20.83
N ASP B 175 8.38 -4.51 21.67
CA ASP B 175 8.78 -5.71 22.38
C ASP B 175 8.75 -6.95 21.51
N SER B 176 8.28 -6.83 20.26
CA SER B 176 8.19 -7.97 19.37
C SER B 176 9.44 -8.18 18.52
N THR B 177 10.41 -7.25 18.57
CA THR B 177 11.51 -7.21 17.61
C THR B 177 12.75 -6.62 18.28
N ARG B 178 13.91 -6.94 17.71
CA ARG B 178 15.16 -6.31 18.10
C ARG B 178 15.46 -5.08 17.26
N ILE B 179 14.74 -4.87 16.17
CA ILE B 179 14.99 -3.72 15.31
C ILE B 179 14.49 -2.47 16.01
N ARG B 180 15.22 -1.36 15.86
CA ARG B 180 14.83 -0.10 16.48
C ARG B 180 13.62 0.50 15.77
N ILE B 181 12.54 0.71 16.51
CA ILE B 181 11.31 1.29 15.95
C ILE B 181 11.36 2.80 16.15
N THR B 182 10.78 3.54 15.22
CA THR B 182 10.74 5.00 15.29
C THR B 182 9.30 5.48 15.19
N ASP B 183 9.12 6.76 15.50
CA ASP B 183 7.81 7.41 15.36
C ASP B 183 7.33 7.47 13.92
N ASN B 184 8.19 7.18 12.94
CA ASN B 184 7.79 7.14 11.54
C ASN B 184 7.26 5.78 11.13
N MET B 185 7.02 4.90 12.09
CA MET B 185 6.51 3.56 11.87
C MET B 185 5.36 3.29 12.81
N PHE B 186 4.44 2.43 12.39
CA PHE B 186 3.51 1.78 13.31
C PHE B 186 3.40 0.31 12.91
N CYS B 187 2.90 -0.52 13.81
CA CYS B 187 2.74 -1.93 13.49
C CYS B 187 1.30 -2.37 13.64
N ALA B 188 0.97 -3.45 12.94
CA ALA B 188 -0.39 -3.95 12.93
C ALA B 188 -0.38 -5.46 12.77
N GLY B 189 -1.45 -6.09 13.22
CA GLY B 189 -1.59 -7.54 13.19
C GLY B 189 -2.27 -8.02 14.44
N TYR B 190 -2.73 -9.28 14.38
CA TYR B 190 -3.37 -9.89 15.54
C TYR B 190 -2.32 -10.46 16.47
N LYS B 191 -2.65 -10.47 17.76
N LYS B 191 -2.65 -10.47 17.76
CA LYS B 191 -1.82 -11.11 18.76
CA LYS B 191 -1.82 -11.11 18.76
C LYS B 191 -2.10 -12.61 18.80
C LYS B 191 -2.09 -12.62 18.78
N PRO B 192 -1.13 -13.41 19.27
CA PRO B 192 -1.37 -14.87 19.31
C PRO B 192 -2.68 -15.26 19.99
N ASP B 193 -3.05 -14.57 21.07
CA ASP B 193 -4.25 -14.94 21.82
C ASP B 193 -5.54 -14.48 21.15
N GLU B 194 -5.46 -13.62 20.15
CA GLU B 194 -6.65 -13.14 19.46
C GLU B 194 -7.19 -14.14 18.44
N GLY B 195 -6.47 -15.21 18.14
CA GLY B 195 -6.98 -16.24 17.24
C GLY B 195 -6.88 -15.93 15.75
N LYS B 196 -7.48 -14.83 15.31
CA LYS B 196 -7.46 -14.46 13.90
C LYS B 196 -6.02 -14.18 13.47
N ARG B 197 -5.79 -14.27 12.16
CA ARG B 197 -4.45 -14.18 11.59
C ARG B 197 -4.45 -13.20 10.41
N GLY B 198 -3.27 -13.01 9.83
CA GLY B 198 -3.13 -12.24 8.62
C GLY B 198 -1.94 -11.31 8.66
N ASP B 199 -1.36 -11.04 7.49
CA ASP B 199 -0.16 -10.21 7.41
C ASP B 199 0.08 -9.90 5.95
N ALA B 200 0.90 -8.89 5.71
CA ALA B 200 1.54 -8.73 4.42
C ALA B 200 2.74 -9.67 4.32
N CYS B 201 3.30 -9.77 3.11
CA CYS B 201 4.46 -10.62 2.89
C CYS B 201 5.28 -10.04 1.74
N GLU B 202 6.33 -10.75 1.35
N GLU B 202 6.34 -10.76 1.36
CA GLU B 202 7.18 -10.29 0.26
CA GLU B 202 7.15 -10.36 0.22
C GLU B 202 6.36 -10.15 -1.03
C GLU B 202 6.26 -10.11 -0.99
N GLY B 203 6.53 -9.01 -1.70
CA GLY B 203 5.74 -8.63 -2.85
C GLY B 203 4.63 -7.64 -2.54
N ASP B 204 4.23 -7.54 -1.26
CA ASP B 204 3.26 -6.54 -0.83
C ASP B 204 3.88 -5.21 -0.48
N SER B 205 5.20 -5.16 -0.31
CA SER B 205 5.97 -3.95 -0.07
C SER B 205 5.45 -2.79 -0.89
N GLY B 206 5.32 -1.62 -0.24
CA GLY B 206 4.97 -0.41 -0.93
C GLY B 206 3.49 -0.19 -1.11
N GLY B 207 2.66 -1.20 -0.87
CA GLY B 207 1.23 -1.04 -0.97
C GLY B 207 0.63 -0.37 0.25
N PRO B 208 -0.65 -0.05 0.15
CA PRO B 208 -1.27 0.82 1.15
C PRO B 208 -1.93 0.08 2.31
N PHE B 209 -1.85 0.71 3.49
CA PHE B 209 -2.66 0.39 4.66
C PHE B 209 -3.68 1.52 4.75
N VAL B 210 -4.96 1.19 4.53
CA VAL B 210 -6.00 2.20 4.45
C VAL B 210 -7.02 2.03 5.57
N MET B 211 -7.68 3.13 5.91
CA MET B 211 -8.75 3.15 6.89
C MET B 211 -9.89 3.97 6.32
N LYS B 212 -11.13 3.56 6.61
CA LYS B 212 -12.30 4.29 6.15
C LYS B 212 -12.79 5.20 7.26
N SER B 213 -12.69 6.51 7.07
CA SER B 213 -13.05 7.43 8.13
C SER B 213 -14.54 7.29 8.44
N PRO B 214 -14.92 7.08 9.71
CA PRO B 214 -16.35 7.05 10.05
C PRO B 214 -16.97 8.44 10.12
N PHE B 215 -16.16 9.49 10.01
CA PHE B 215 -16.63 10.87 10.05
C PHE B 215 -17.14 11.32 8.68
N ASN B 216 -16.42 10.99 7.60
CA ASN B 216 -16.77 11.47 6.27
C ASN B 216 -16.86 10.35 5.24
N ASN B 217 -16.72 9.10 5.68
CA ASN B 217 -16.89 7.92 4.83
C ASN B 217 -15.95 7.90 3.63
N ARG B 218 -14.74 8.44 3.79
CA ARG B 218 -13.71 8.38 2.77
C ARG B 218 -12.56 7.50 3.24
N TRP B 219 -11.90 6.87 2.28
CA TRP B 219 -10.71 6.06 2.55
C TRP B 219 -9.46 6.91 2.57
N TYR B 220 -8.65 6.70 3.61
CA TYR B 220 -7.40 7.38 3.82
C TYR B 220 -6.27 6.36 3.90
N GLN B 221 -5.13 6.69 3.29
CA GLN B 221 -3.94 5.86 3.41
C GLN B 221 -3.12 6.30 4.62
N MET B 222 -3.12 5.49 5.65
N MET B 222 -3.15 5.50 5.68
CA MET B 222 -2.39 5.78 6.88
CA MET B 222 -2.39 5.78 6.89
C MET B 222 -1.00 5.17 6.88
C MET B 222 -0.97 5.19 6.84
N GLY B 223 -0.77 4.08 6.12
CA GLY B 223 0.50 3.39 6.16
C GLY B 223 0.92 2.88 4.80
N ILE B 224 2.19 2.51 4.72
CA ILE B 224 2.78 1.86 3.55
C ILE B 224 3.43 0.58 4.06
N VAL B 225 3.18 -0.54 3.38
CA VAL B 225 3.81 -1.80 3.77
C VAL B 225 5.32 -1.62 3.71
N SER B 226 5.99 -1.76 4.85
CA SER B 226 7.42 -1.46 4.95
C SER B 226 8.27 -2.68 5.26
N TRP B 227 8.07 -3.31 6.42
CA TRP B 227 8.96 -4.42 6.79
C TRP B 227 8.31 -5.34 7.80
N GLY B 228 8.85 -6.56 7.88
CA GLY B 228 8.43 -7.52 8.86
C GLY B 228 9.51 -8.58 8.96
N GLU B 229 9.35 -9.48 9.92
CA GLU B 229 10.31 -10.56 10.11
C GLU B 229 9.51 -11.84 9.90
N GLY B 230 9.58 -12.37 8.70
CA GLY B 230 8.69 -13.44 8.30
C GLY B 230 7.34 -12.88 7.90
N CYS B 231 6.39 -13.78 7.69
CA CYS B 231 5.02 -13.40 7.36
C CYS B 231 4.05 -14.19 8.23
N ASP B 232 3.16 -13.45 8.91
CA ASP B 232 2.09 -14.05 9.73
C ASP B 232 2.65 -14.97 10.82
N ARG B 233 3.78 -14.59 11.40
CA ARG B 233 4.34 -15.35 12.52
C ARG B 233 3.69 -14.92 13.83
N ASP B 234 3.40 -15.91 14.68
CA ASP B 234 2.87 -15.61 16.01
C ASP B 234 3.85 -14.72 16.77
N GLY B 235 3.33 -13.66 17.39
CA GLY B 235 4.16 -12.77 18.19
C GLY B 235 4.95 -11.75 17.39
N LYS B 236 4.85 -11.77 16.06
CA LYS B 236 5.43 -10.74 15.21
C LYS B 236 4.31 -9.93 14.57
N TYR B 237 4.68 -8.74 14.09
CA TYR B 237 3.73 -7.79 13.53
C TYR B 237 4.35 -7.16 12.28
N GLY B 238 3.49 -6.76 11.35
CA GLY B 238 3.98 -6.03 10.20
C GLY B 238 4.16 -4.56 10.56
N PHE B 239 5.20 -3.96 9.98
CA PHE B 239 5.52 -2.56 10.21
C PHE B 239 5.23 -1.74 8.96
N TYR B 240 4.67 -0.54 9.17
CA TYR B 240 4.15 0.32 8.14
C TYR B 240 4.71 1.71 8.30
N THR B 241 5.07 2.34 7.19
CA THR B 241 5.47 3.74 7.21
C THR B 241 4.29 4.60 7.63
N HIS B 242 4.54 5.52 8.57
CA HIS B 242 3.51 6.40 9.12
C HIS B 242 3.35 7.58 8.17
N VAL B 243 2.34 7.49 7.29
CA VAL B 243 2.22 8.43 6.17
C VAL B 243 2.06 9.86 6.69
N PHE B 244 1.19 10.05 7.67
CA PHE B 244 0.94 11.40 8.13
C PHE B 244 2.22 12.07 8.66
N ARG B 245 3.06 11.31 9.37
CA ARG B 245 4.30 11.86 9.90
C ARG B 245 5.23 12.38 8.82
N LEU B 246 5.07 11.89 7.58
CA LEU B 246 5.94 12.27 6.48
C LEU B 246 5.19 13.10 5.45
N LYS B 247 3.99 13.59 5.79
CA LYS B 247 3.17 14.25 4.81
C LYS B 247 3.75 15.60 4.37
N LYS B 248 4.46 16.30 5.26
CA LYS B 248 5.04 17.58 4.87
C LYS B 248 6.04 17.39 3.74
N TRP B 249 6.79 16.29 3.78
CA TRP B 249 7.70 15.99 2.68
C TRP B 249 6.93 15.65 1.41
N ILE B 250 5.85 14.87 1.52
CA ILE B 250 5.03 14.56 0.35
C ILE B 250 4.56 15.85 -0.30
N GLN B 251 4.01 16.75 0.51
CA GLN B 251 3.47 18.01 -0.03
C GLN B 251 4.57 18.88 -0.62
N LYS B 252 5.75 18.91 0.01
CA LYS B 252 6.86 19.70 -0.54
C LYS B 252 7.22 19.19 -1.92
N VAL B 253 7.32 17.87 -2.08
CA VAL B 253 7.67 17.32 -3.38
C VAL B 253 6.62 17.66 -4.43
N ILE B 254 5.36 17.41 -4.11
CA ILE B 254 4.31 17.65 -5.10
C ILE B 254 4.22 19.13 -5.44
N ASP B 255 4.34 20.00 -4.43
CA ASP B 255 4.26 21.43 -4.69
C ASP B 255 5.43 21.91 -5.54
N GLN B 256 6.63 21.36 -5.31
CA GLN B 256 7.80 21.85 -6.01
C GLN B 256 7.92 21.27 -7.41
N PHE B 257 7.49 20.03 -7.59
CA PHE B 257 7.66 19.34 -8.86
C PHE B 257 6.30 19.04 -9.49
N ASP C 2 5.29 -15.90 -14.58
CA ASP C 2 4.06 -16.33 -15.23
C ASP C 2 3.20 -15.15 -15.71
N PHE C 3 3.83 -14.04 -16.08
CA PHE C 3 3.08 -12.85 -16.47
C PHE C 3 2.77 -12.83 -17.96
N GLU C 4 1.54 -12.46 -18.29
CA GLU C 4 1.16 -12.28 -19.67
C GLU C 4 1.90 -11.08 -20.26
N GLU C 5 2.39 -11.23 -21.49
CA GLU C 5 3.10 -10.14 -22.13
C GLU C 5 2.20 -8.93 -22.24
N ILE C 6 2.77 -7.75 -21.99
CA ILE C 6 2.02 -6.51 -22.11
C ILE C 6 2.24 -5.93 -23.51
N PRO C 7 1.38 -5.04 -23.98
CA PRO C 7 1.59 -4.44 -25.30
C PRO C 7 2.97 -3.80 -25.43
N GLU C 8 3.58 -3.98 -26.60
CA GLU C 8 4.94 -3.48 -26.82
C GLU C 8 5.02 -1.97 -26.71
N GLU C 9 3.93 -1.26 -26.95
CA GLU C 9 3.94 0.20 -26.87
C GLU C 9 4.40 0.71 -25.51
N LEU C 11 6.67 -0.72 -23.69
CA LEU C 11 8.06 -1.10 -23.45
C LEU C 11 9.03 -0.32 -24.33
N GLN C 12 8.50 0.53 -25.21
CA GLN C 12 9.32 1.32 -26.12
C GLN C 12 10.08 2.39 -25.34
N PRO D 2 13.05 -6.03 4.76
N PRO D 2 13.10 -6.03 4.77
CA PRO D 2 12.16 -5.23 3.93
CA PRO D 2 12.25 -5.21 3.90
C PRO D 2 11.06 -6.10 3.34
C PRO D 2 11.11 -6.04 3.33
#